data_3UPQ
#
_entry.id   3UPQ
#
_cell.length_a   55.975
_cell.length_b   63.660
_cell.length_c   139.970
_cell.angle_alpha   90.00
_cell.angle_beta   90.00
_cell.angle_gamma   90.00
#
_symmetry.space_group_name_H-M   'P 21 21 21'
#
loop_
_entity.id
_entity.type
_entity.pdbx_description
1 polymer 'DNA polymerase lambda'
2 polymer "5'-D(*CP*GP*GP*CP*TP*GP*TP*AP*CP*TP*G)-3'"
3 polymer "5'-D(*CP*AP*GP*TP*AP*C)-3'"
4 polymer "5'-D(P*GP*CP*CP*G)-3'"
5 non-polymer "5'-O-[(S)-hydroxy{[(S)-hydroxy(phosphonooxy)phosphoryl]amino}phosphoryl]adenosine"
6 non-polymer 'MANGANESE (II) ION'
7 non-polymer 'SODIUM ION'
8 non-polymer 'SULFATE ION'
9 water water
#
loop_
_entity_poly.entity_id
_entity_poly.type
_entity_poly.pdbx_seq_one_letter_code
_entity_poly.pdbx_strand_id
1 'polypeptide(L)'
;AQPSSQKATNHNLHITEKLEVLAKAYSVQGDKWRALGYAKAINALKSFHKPVTSYQEACSIPGIGKRMAEKIIEILESGH
LRKLDHISESVPVLELFSNIWGAGTKTAQMWYQQGFRSLEDIRSQASLTTQQAIGLKHYSDFLERMPREEATEIEQTVQK
AAQAFNSGLLCVACGSYRRGKATCGDVDVLITHPDGRSHRGIFSRLLDSLRQEGFLTDDLVKGETKYLGVCRLPGPGRRH
RRLDIIVVPYSEFACALLYFTGSAHFNRSMRALAKTKGMSLSEHALSTAVVRNTHGCKVGPGRVLPTPTEKDVFRLLGLP
YREPAERDW
;
A
2 'polydeoxyribonucleotide' (DC)(DG)(DG)(DC)(DT)(DG)(DT)(DA)(DC)(DT)(DG) T
3 'polydeoxyribonucleotide' (DC)(DA)(DG)(DT)(DA)(DC) P
4 'polydeoxyribonucleotide' (DG)(DC)(DC)(DG) D
#
# COMPACT_ATOMS: atom_id res chain seq x y z
N HIS A 11 -14.35 -17.46 9.81
CA HIS A 11 -13.52 -16.36 10.26
C HIS A 11 -13.46 -16.28 11.79
N ASN A 12 -13.32 -17.44 12.43
CA ASN A 12 -13.19 -17.50 13.89
C ASN A 12 -11.94 -16.77 14.36
N LEU A 13 -12.13 -15.58 14.91
CA LEU A 13 -11.00 -14.72 15.27
C LEU A 13 -11.23 -13.86 16.52
N HIS A 14 -11.11 -14.48 17.69
CA HIS A 14 -11.12 -13.75 18.95
C HIS A 14 -9.69 -13.68 19.45
N ILE A 15 -8.85 -14.50 18.84
CA ILE A 15 -7.42 -14.51 19.12
C ILE A 15 -6.75 -13.39 18.33
N THR A 16 -7.10 -13.28 17.05
CA THR A 16 -6.51 -12.28 16.18
C THR A 16 -6.60 -10.87 16.78
N GLU A 17 -7.77 -10.51 17.28
CA GLU A 17 -7.96 -9.18 17.85
C GLU A 17 -6.79 -8.78 18.75
N LYS A 18 -6.44 -9.64 19.70
CA LYS A 18 -5.37 -9.35 20.66
C LYS A 18 -3.98 -9.38 20.02
N LEU A 19 -3.82 -10.21 18.99
CA LEU A 19 -2.55 -10.28 18.27
C LEU A 19 -2.27 -8.99 17.50
N GLU A 20 -3.32 -8.42 16.91
CA GLU A 20 -3.16 -7.24 16.07
C GLU A 20 -2.73 -6.02 16.90
N VAL A 21 -3.11 -6.00 18.16
CA VAL A 21 -2.65 -4.96 19.07
C VAL A 21 -1.14 -5.06 19.19
N LEU A 22 -0.63 -6.27 19.38
CA LEU A 22 0.81 -6.47 19.48
C LEU A 22 1.47 -6.22 18.13
N ALA A 23 0.85 -6.71 17.05
CA ALA A 23 1.37 -6.49 15.71
C ALA A 23 1.50 -5.00 15.41
N LYS A 24 0.47 -4.22 15.75
CA LYS A 24 0.52 -2.78 15.57
C LYS A 24 1.65 -2.17 16.37
N ALA A 25 1.80 -2.60 17.62
CA ALA A 25 2.85 -2.08 18.49
C ALA A 25 4.24 -2.28 17.89
N TYR A 26 4.50 -3.48 17.40
CA TYR A 26 5.79 -3.74 16.75
C TYR A 26 5.97 -2.87 15.53
N SER A 27 4.91 -2.75 14.74
CA SER A 27 4.96 -1.97 13.53
C SER A 27 5.37 -0.53 13.80
N VAL A 28 4.63 0.18 14.65
CA VAL A 28 4.90 1.60 14.86
C VAL A 28 6.25 1.83 15.54
N GLN A 29 6.75 0.82 16.26
CA GLN A 29 8.07 0.92 16.87
C GLN A 29 9.21 0.47 15.94
N GLY A 30 8.87 0.09 14.71
CA GLY A 30 9.91 -0.14 13.72
C GLY A 30 10.45 -1.55 13.60
N ASP A 31 9.90 -2.47 14.38
CA ASP A 31 10.28 -3.88 14.27
C ASP A 31 9.53 -4.53 13.14
N LYS A 32 9.89 -4.16 11.91
CA LYS A 32 9.08 -4.51 10.75
C LYS A 32 9.02 -6.01 10.50
N TRP A 33 10.09 -6.72 10.84
CA TRP A 33 10.12 -8.14 10.49
C TRP A 33 9.21 -8.94 11.43
N ARG A 34 9.23 -8.61 12.71
CA ARG A 34 8.33 -9.26 13.65
C ARG A 34 6.89 -8.91 13.32
N ALA A 35 6.65 -7.65 12.99
CA ALA A 35 5.33 -7.22 12.54
C ALA A 35 4.90 -7.99 11.29
N LEU A 36 5.87 -8.31 10.44
CA LEU A 36 5.55 -9.07 9.24
C LEU A 36 5.08 -10.47 9.62
N GLY A 37 5.82 -11.14 10.50
CA GLY A 37 5.42 -12.43 11.00
C GLY A 37 4.01 -12.43 11.55
N TYR A 38 3.67 -11.43 12.37
CA TYR A 38 2.33 -11.31 12.92
C TYR A 38 1.27 -11.07 11.85
N ALA A 39 1.58 -10.22 10.89
CA ALA A 39 0.65 -9.92 9.80
C ALA A 39 0.23 -11.18 9.04
N LYS A 40 1.20 -12.06 8.80
CA LYS A 40 0.94 -13.29 8.06
C LYS A 40 0.28 -14.34 8.94
N ALA A 41 0.64 -14.37 10.22
CA ALA A 41 -0.01 -15.28 11.16
C ALA A 41 -1.49 -14.93 11.31
N ILE A 42 -1.79 -13.63 11.25
CA ILE A 42 -3.14 -13.13 11.40
C ILE A 42 -3.97 -13.31 10.13
N ASN A 43 -3.38 -12.96 8.98
CA ASN A 43 -4.04 -13.18 7.69
C ASN A 43 -4.41 -14.65 7.53
N ALA A 44 -3.76 -15.51 8.32
CA ALA A 44 -4.06 -16.94 8.30
C ALA A 44 -5.30 -17.26 9.12
N LEU A 45 -5.28 -16.86 10.39
CA LEU A 45 -6.36 -17.18 11.31
C LEU A 45 -7.72 -16.70 10.81
N LYS A 46 -7.72 -15.62 10.04
CA LYS A 46 -8.95 -15.10 9.47
C LYS A 46 -9.31 -15.85 8.19
N SER A 47 -8.77 -17.06 8.05
CA SER A 47 -8.98 -17.86 6.84
C SER A 47 -9.17 -19.35 7.11
N PHE A 48 -8.80 -19.80 8.32
CA PHE A 48 -8.98 -21.20 8.69
C PHE A 48 -10.46 -21.51 8.88
N HIS A 49 -10.92 -22.54 8.17
CA HIS A 49 -12.33 -22.93 8.20
C HIS A 49 -12.94 -22.90 9.60
N LYS A 50 -12.55 -23.89 10.42
CA LYS A 50 -13.04 -23.98 11.78
C LYS A 50 -12.02 -23.42 12.76
N PRO A 51 -12.48 -22.58 13.70
CA PRO A 51 -11.64 -21.97 14.74
C PRO A 51 -10.65 -22.96 15.37
N VAL A 52 -9.45 -22.48 15.66
CA VAL A 52 -8.36 -23.34 16.14
C VAL A 52 -8.66 -23.94 17.50
N THR A 53 -8.36 -25.23 17.64
CA THR A 53 -8.67 -25.96 18.86
C THR A 53 -7.42 -26.35 19.64
N SER A 54 -6.59 -27.19 19.04
CA SER A 54 -5.41 -27.74 19.71
C SER A 54 -4.14 -26.93 19.44
N TYR A 55 -3.24 -26.91 20.42
CA TYR A 55 -1.95 -26.25 20.26
C TYR A 55 -1.16 -26.89 19.13
N GLN A 56 -1.61 -28.06 18.69
CA GLN A 56 -1.02 -28.75 17.55
C GLN A 56 -1.74 -28.36 16.27
N GLU A 57 -3.03 -28.08 16.40
CA GLU A 57 -3.82 -27.56 15.27
C GLU A 57 -3.16 -26.29 14.77
N ALA A 58 -2.49 -25.59 15.69
CA ALA A 58 -1.79 -24.35 15.36
C ALA A 58 -0.60 -24.61 14.45
N CYS A 59 0.43 -25.26 15.00
CA CYS A 59 1.67 -25.51 14.27
C CYS A 59 1.44 -26.23 12.94
N SER A 60 0.22 -26.74 12.76
CA SER A 60 -0.13 -27.42 11.52
C SER A 60 -0.73 -26.43 10.52
N ILE A 61 -0.37 -25.16 10.67
CA ILE A 61 -0.86 -24.11 9.79
C ILE A 61 0.31 -23.30 9.23
N PRO A 62 0.25 -22.96 7.94
CA PRO A 62 1.27 -22.10 7.33
C PRO A 62 1.21 -20.68 7.87
N GLY A 63 2.25 -20.26 8.58
CA GLY A 63 2.30 -18.92 9.15
C GLY A 63 2.33 -18.91 10.67
N ILE A 64 2.16 -20.08 11.28
CA ILE A 64 2.12 -20.18 12.73
C ILE A 64 3.08 -21.23 13.27
N GLY A 65 3.90 -20.82 14.24
CA GLY A 65 4.93 -21.69 14.78
C GLY A 65 4.93 -21.77 16.29
N LYS A 66 6.05 -22.19 16.86
CA LYS A 66 6.15 -22.42 18.29
C LYS A 66 5.75 -21.21 19.13
N ARG A 67 6.26 -20.05 18.75
CA ARG A 67 6.04 -18.83 19.52
C ARG A 67 4.60 -18.33 19.40
N MET A 68 4.11 -18.27 18.17
CA MET A 68 2.76 -17.79 17.90
C MET A 68 1.73 -18.77 18.47
N ALA A 69 2.01 -20.05 18.29
CA ALA A 69 1.12 -21.10 18.77
C ALA A 69 0.92 -21.01 20.27
N GLU A 70 2.01 -20.99 21.02
CA GLU A 70 1.92 -20.93 22.47
C GLU A 70 1.23 -19.65 22.93
N LYS A 71 1.33 -18.61 22.11
CA LYS A 71 0.63 -17.36 22.39
C LYS A 71 -0.87 -17.53 22.21
N ILE A 72 -1.25 -18.25 21.15
CA ILE A 72 -2.66 -18.55 20.90
C ILE A 72 -3.22 -19.42 22.01
N ILE A 73 -2.38 -20.31 22.54
CA ILE A 73 -2.77 -21.20 23.63
C ILE A 73 -2.98 -20.41 24.92
N GLU A 74 -2.34 -19.25 25.00
CA GLU A 74 -2.53 -18.37 26.15
C GLU A 74 -3.84 -17.60 26.05
N ILE A 75 -4.22 -17.24 24.83
CA ILE A 75 -5.49 -16.55 24.60
C ILE A 75 -6.67 -17.46 24.91
N LEU A 76 -6.67 -18.65 24.32
CA LEU A 76 -7.76 -19.60 24.56
C LEU A 76 -7.82 -20.01 26.03
N GLU A 77 -6.75 -20.61 26.52
CA GLU A 77 -6.68 -21.06 27.91
C GLU A 77 -6.88 -19.91 28.91
N SER A 78 -5.87 -19.05 29.02
CA SER A 78 -5.89 -17.96 29.99
C SER A 78 -7.01 -16.93 29.74
N GLY A 79 -7.23 -16.58 28.47
CA GLY A 79 -8.25 -15.61 28.13
C GLY A 79 -7.68 -14.29 27.66
N HIS A 80 -6.44 -14.02 28.05
CA HIS A 80 -5.74 -12.80 27.64
C HIS A 80 -4.22 -13.03 27.56
N LEU A 81 -3.56 -12.34 26.64
CA LEU A 81 -2.12 -12.47 26.48
C LEU A 81 -1.37 -11.44 27.32
N ARG A 82 -0.36 -11.91 28.06
CA ARG A 82 0.33 -11.06 29.02
C ARG A 82 1.20 -9.98 28.38
N LYS A 83 1.83 -10.30 27.25
CA LYS A 83 2.71 -9.34 26.57
C LYS A 83 2.01 -8.00 26.31
N LEU A 84 0.71 -8.04 26.07
CA LEU A 84 -0.07 -6.83 25.84
C LEU A 84 0.16 -5.81 26.95
N ASP A 85 0.35 -6.30 28.16
CA ASP A 85 0.51 -5.44 29.34
C ASP A 85 1.87 -4.77 29.38
N HIS A 86 2.76 -5.16 28.47
CA HIS A 86 4.09 -4.57 28.41
C HIS A 86 4.29 -3.66 27.20
N ILE A 87 3.24 -3.49 26.40
CA ILE A 87 3.28 -2.56 25.28
C ILE A 87 3.57 -1.15 25.79
N SER A 88 4.65 -0.55 25.30
CA SER A 88 5.06 0.78 25.71
C SER A 88 3.88 1.75 25.67
N GLU A 89 3.88 2.70 26.59
CA GLU A 89 2.79 3.67 26.65
C GLU A 89 2.91 4.69 25.52
N SER A 90 4.05 4.69 24.84
CA SER A 90 4.32 5.65 23.78
C SER A 90 3.58 5.28 22.50
N VAL A 91 3.13 4.04 22.43
CA VAL A 91 2.58 3.48 21.21
C VAL A 91 1.40 4.25 20.60
N PRO A 92 0.39 4.57 21.42
CA PRO A 92 -0.69 5.38 20.85
C PRO A 92 -0.20 6.70 20.25
N VAL A 93 0.75 7.35 20.92
CA VAL A 93 1.29 8.61 20.42
C VAL A 93 2.13 8.39 19.15
N LEU A 94 2.95 7.34 19.17
CA LEU A 94 3.71 6.97 17.98
C LEU A 94 2.77 6.71 16.79
N GLU A 95 1.67 6.03 17.03
CA GLU A 95 0.73 5.76 15.95
C GLU A 95 0.14 7.07 15.41
N LEU A 96 -0.22 7.97 16.32
CA LEU A 96 -0.76 9.28 15.94
C LEU A 96 0.23 10.03 15.04
N PHE A 97 1.50 10.06 15.45
CA PHE A 97 2.51 10.78 14.68
C PHE A 97 2.80 10.09 13.34
N SER A 98 2.90 8.77 13.36
CA SER A 98 3.23 8.06 12.13
C SER A 98 2.09 8.05 11.10
N ASN A 99 0.88 8.43 11.54
CA ASN A 99 -0.22 8.61 10.59
C ASN A 99 -0.18 9.93 9.82
N ILE A 100 0.81 10.76 10.12
CA ILE A 100 1.12 11.92 9.29
C ILE A 100 1.87 11.44 8.06
N TRP A 101 1.34 11.72 6.87
CA TRP A 101 2.00 11.28 5.64
C TRP A 101 3.41 11.89 5.57
N GLY A 102 4.39 11.04 5.34
CA GLY A 102 5.78 11.48 5.25
C GLY A 102 6.55 11.30 6.55
N ALA A 103 5.86 10.92 7.61
CA ALA A 103 6.54 10.63 8.88
C ALA A 103 6.39 9.16 9.17
N GLY A 104 7.51 8.49 9.43
CA GLY A 104 7.49 7.08 9.74
C GLY A 104 7.96 6.83 11.17
N THR A 105 8.34 5.59 11.45
CA THR A 105 8.74 5.19 12.79
CA THR A 105 8.74 5.20 12.79
C THR A 105 9.86 6.06 13.37
N LYS A 106 10.90 6.32 12.57
CA LYS A 106 12.07 7.06 13.09
C LYS A 106 11.72 8.51 13.45
N THR A 107 10.93 9.15 12.61
CA THR A 107 10.48 10.51 12.89
C THR A 107 9.55 10.54 14.09
N ALA A 108 8.61 9.59 14.18
CA ALA A 108 7.69 9.54 15.32
C ALA A 108 8.43 9.34 16.65
N GLN A 109 9.42 8.46 16.67
CA GLN A 109 10.21 8.22 17.87
CA GLN A 109 10.20 8.22 17.89
C GLN A 109 11.01 9.45 18.27
N MET A 110 11.52 10.18 17.27
CA MET A 110 12.31 11.38 17.53
C MET A 110 11.43 12.48 18.14
N TRP A 111 10.29 12.73 17.52
CA TRP A 111 9.32 13.66 18.05
C TRP A 111 8.93 13.26 19.48
N TYR A 112 8.70 11.97 19.69
CA TYR A 112 8.31 11.48 21.02
C TYR A 112 9.43 11.71 22.05
N GLN A 113 10.66 11.43 21.68
CA GLN A 113 11.78 11.65 22.58
CA GLN A 113 11.81 11.66 22.56
C GLN A 113 11.93 13.14 22.90
N GLN A 114 11.58 13.99 21.94
CA GLN A 114 11.67 15.42 22.16
C GLN A 114 10.56 15.98 23.04
N GLY A 115 9.69 15.09 23.53
CA GLY A 115 8.63 15.51 24.43
C GLY A 115 7.28 15.80 23.79
N PHE A 116 7.19 15.67 22.47
CA PHE A 116 5.91 15.92 21.78
C PHE A 116 4.93 14.78 22.00
N ARG A 117 3.65 15.14 22.18
CA ARG A 117 2.63 14.15 22.52
C ARG A 117 1.33 14.29 21.72
N SER A 118 1.13 15.42 21.05
CA SER A 118 -0.11 15.66 20.32
C SER A 118 0.17 16.35 19.00
N LEU A 119 -0.81 16.39 18.11
CA LEU A 119 -0.64 17.10 16.84
C LEU A 119 -0.49 18.60 17.06
N GLU A 120 -1.08 19.12 18.13
CA GLU A 120 -0.83 20.51 18.49
C GLU A 120 0.67 20.73 18.79
N ASP A 121 1.29 19.82 19.55
CA ASP A 121 2.74 19.86 19.77
C ASP A 121 3.52 19.86 18.45
N ILE A 122 3.18 18.96 17.53
CA ILE A 122 3.85 18.92 16.23
C ILE A 122 3.70 20.23 15.45
N ARG A 123 2.46 20.67 15.33
CA ARG A 123 2.15 21.92 14.65
C ARG A 123 2.99 23.08 15.19
N SER A 124 3.03 23.21 16.51
CA SER A 124 3.64 24.40 17.12
C SER A 124 5.15 24.31 17.25
N GLN A 125 5.67 23.11 17.48
CA GLN A 125 7.07 22.98 17.91
C GLN A 125 7.93 22.10 17.02
N ALA A 126 7.32 21.21 16.24
CA ALA A 126 8.12 20.25 15.49
C ALA A 126 8.68 20.81 14.20
N SER A 127 9.86 20.33 13.80
CA SER A 127 10.39 20.67 12.51
C SER A 127 9.75 19.68 11.54
N LEU A 128 9.16 20.18 10.46
CA LEU A 128 8.43 19.31 9.55
C LEU A 128 9.04 19.43 8.16
N THR A 129 9.14 18.31 7.45
CA THR A 129 9.51 18.36 6.04
C THR A 129 8.34 18.95 5.27
N THR A 130 8.61 19.33 4.04
CA THR A 130 7.56 19.80 3.13
C THR A 130 6.40 18.79 3.05
N GLN A 131 6.74 17.52 2.88
CA GLN A 131 5.74 16.44 2.82
C GLN A 131 4.96 16.32 4.11
N GLN A 132 5.65 16.37 5.25
CA GLN A 132 4.97 16.22 6.52
C GLN A 132 3.99 17.37 6.79
N ALA A 133 4.34 18.58 6.38
CA ALA A 133 3.45 19.72 6.58
C ALA A 133 2.15 19.52 5.80
N ILE A 134 2.27 18.96 4.60
CA ILE A 134 1.09 18.62 3.79
C ILE A 134 0.29 17.49 4.45
N GLY A 135 0.99 16.45 4.91
CA GLY A 135 0.35 15.36 5.62
C GLY A 135 -0.45 15.83 6.83
N LEU A 136 0.11 16.79 7.56
CA LEU A 136 -0.54 17.26 8.77
C LEU A 136 -1.78 18.09 8.43
N LYS A 137 -1.64 18.97 7.43
CA LYS A 137 -2.76 19.77 6.93
C LYS A 137 -3.94 18.86 6.55
N HIS A 138 -3.64 17.70 5.96
CA HIS A 138 -4.71 16.83 5.48
C HIS A 138 -4.84 15.61 6.38
N TYR A 139 -4.44 15.74 7.64
CA TYR A 139 -4.43 14.57 8.52
C TYR A 139 -5.74 13.75 8.53
N SER A 140 -6.85 14.43 8.83
CA SER A 140 -8.14 13.76 8.87
C SER A 140 -8.53 13.16 7.53
N ASP A 141 -8.38 13.93 6.46
CA ASP A 141 -8.83 13.47 5.15
C ASP A 141 -8.07 12.19 4.79
N PHE A 142 -6.78 12.18 5.06
CA PHE A 142 -5.94 11.06 4.63
C PHE A 142 -6.19 9.79 5.41
N LEU A 143 -6.89 9.89 6.53
CA LEU A 143 -7.33 8.69 7.26
C LEU A 143 -8.64 8.11 6.72
N GLU A 144 -9.34 8.85 5.87
CA GLU A 144 -10.62 8.40 5.31
C GLU A 144 -10.39 7.71 3.99
N ARG A 145 -11.09 6.60 3.77
CA ARG A 145 -11.10 5.96 2.48
C ARG A 145 -12.28 6.53 1.70
N MET A 146 -12.10 6.71 0.39
CA MET A 146 -13.16 7.29 -0.42
C MET A 146 -14.05 6.18 -0.99
N PRO A 147 -15.32 6.53 -1.31
CA PRO A 147 -16.17 5.54 -1.96
C PRO A 147 -15.60 5.20 -3.34
N ARG A 148 -15.82 3.96 -3.77
CA ARG A 148 -15.36 3.53 -5.07
C ARG A 148 -15.74 4.52 -6.17
N GLU A 149 -16.95 5.08 -6.09
CA GLU A 149 -17.46 6.00 -7.11
C GLU A 149 -16.62 7.27 -7.24
N GLU A 150 -16.02 7.70 -6.15
CA GLU A 150 -15.19 8.91 -6.17
C GLU A 150 -13.86 8.61 -6.86
N ALA A 151 -13.33 7.42 -6.60
CA ALA A 151 -12.14 6.98 -7.30
C ALA A 151 -12.38 6.99 -8.81
N THR A 152 -13.56 6.55 -9.23
CA THR A 152 -13.90 6.60 -10.65
C THR A 152 -13.79 8.02 -11.19
N GLU A 153 -14.36 8.98 -10.45
CA GLU A 153 -14.38 10.38 -10.87
C GLU A 153 -12.98 10.96 -10.98
N ILE A 154 -12.12 10.54 -10.06
CA ILE A 154 -10.75 11.00 -10.07
C ILE A 154 -10.01 10.42 -11.27
N GLU A 155 -10.16 9.12 -11.49
CA GLU A 155 -9.54 8.47 -12.65
C GLU A 155 -9.95 9.18 -13.94
N GLN A 156 -11.26 9.46 -14.04
CA GLN A 156 -11.79 10.11 -15.25
C GLN A 156 -11.31 11.55 -15.41
N THR A 157 -11.10 12.24 -14.30
CA THR A 157 -10.54 13.59 -14.36
C THR A 157 -9.14 13.55 -14.96
N VAL A 158 -8.34 12.58 -14.52
CA VAL A 158 -6.98 12.42 -15.01
C VAL A 158 -7.00 12.02 -16.49
N GLN A 159 -7.84 11.03 -16.79
CA GLN A 159 -7.95 10.51 -18.15
C GLN A 159 -8.40 11.60 -19.12
N LYS A 160 -9.44 12.34 -18.75
CA LYS A 160 -9.92 13.44 -19.58
C LYS A 160 -8.83 14.47 -19.81
N ALA A 161 -8.06 14.79 -18.77
CA ALA A 161 -6.99 15.79 -18.90
C ALA A 161 -5.81 15.26 -19.71
N ALA A 162 -5.57 13.95 -19.63
CA ALA A 162 -4.46 13.37 -20.37
C ALA A 162 -4.83 13.20 -21.84
N GLN A 163 -6.01 12.62 -22.09
CA GLN A 163 -6.47 12.40 -23.45
C GLN A 163 -6.59 13.70 -24.23
N ALA A 164 -6.46 14.83 -23.55
CA ALA A 164 -6.47 16.13 -24.20
C ALA A 164 -5.13 16.45 -24.87
N PHE A 165 -4.07 15.75 -24.47
CA PHE A 165 -2.77 15.88 -25.13
C PHE A 165 -2.66 14.81 -26.19
N ASN A 166 -3.38 13.72 -25.98
CA ASN A 166 -3.37 12.60 -26.92
C ASN A 166 -4.48 11.63 -26.57
N SER A 167 -5.46 11.51 -27.47
CA SER A 167 -6.63 10.67 -27.23
C SER A 167 -6.31 9.18 -27.10
N GLY A 168 -5.12 8.79 -27.54
CA GLY A 168 -4.72 7.40 -27.51
C GLY A 168 -4.10 6.93 -26.19
N LEU A 169 -3.78 7.87 -25.31
CA LEU A 169 -3.24 7.55 -23.99
C LEU A 169 -4.18 6.68 -23.17
N LEU A 170 -3.68 5.55 -22.68
CA LEU A 170 -4.43 4.69 -21.77
C LEU A 170 -4.23 5.17 -20.33
N CYS A 171 -5.34 5.47 -19.66
CA CYS A 171 -5.29 5.79 -18.23
C CYS A 171 -6.15 4.79 -17.47
N VAL A 172 -5.53 4.09 -16.53
CA VAL A 172 -6.19 3.01 -15.83
C VAL A 172 -5.92 3.11 -14.34
N ALA A 173 -7.00 3.20 -13.56
CA ALA A 173 -6.89 3.16 -12.12
C ALA A 173 -6.57 1.75 -11.65
N CYS A 174 -5.44 1.61 -10.96
CA CYS A 174 -4.98 0.32 -10.49
C CYS A 174 -5.25 0.21 -8.99
N GLY A 175 -4.28 -0.32 -8.24
CA GLY A 175 -4.43 -0.46 -6.79
C GLY A 175 -5.73 -1.12 -6.34
N SER A 176 -6.19 -0.75 -5.14
CA SER A 176 -7.40 -1.31 -4.55
C SER A 176 -8.63 -1.13 -5.44
N TYR A 177 -8.60 -0.12 -6.28
CA TYR A 177 -9.70 0.13 -7.20
C TYR A 177 -9.85 -1.03 -8.18
N ARG A 178 -8.77 -1.32 -8.89
CA ARG A 178 -8.78 -2.43 -9.84
C ARG A 178 -9.06 -3.76 -9.16
N ARG A 179 -8.61 -3.92 -7.91
CA ARG A 179 -8.94 -5.14 -7.18
C ARG A 179 -10.41 -5.18 -6.72
N GLY A 180 -11.20 -4.20 -7.13
CA GLY A 180 -12.63 -4.20 -6.89
C GLY A 180 -13.13 -3.82 -5.50
N LYS A 181 -12.30 -3.14 -4.72
CA LYS A 181 -12.74 -2.75 -3.37
C LYS A 181 -13.83 -1.69 -3.42
N ALA A 182 -14.69 -1.70 -2.41
CA ALA A 182 -15.77 -0.73 -2.28
C ALA A 182 -15.27 0.65 -1.85
N THR A 183 -14.15 0.67 -1.13
CA THR A 183 -13.49 1.93 -0.74
C THR A 183 -12.01 1.92 -1.15
N CYS A 184 -11.47 3.11 -1.41
CA CYS A 184 -10.07 3.26 -1.81
C CYS A 184 -9.35 4.31 -0.97
N GLY A 185 -8.17 3.97 -0.46
CA GLY A 185 -7.36 4.89 0.33
C GLY A 185 -6.88 6.06 -0.52
N ASP A 186 -6.53 5.75 -1.76
CA ASP A 186 -6.18 6.77 -2.73
C ASP A 186 -6.59 6.27 -4.10
N VAL A 187 -6.21 7.01 -5.15
CA VAL A 187 -6.32 6.49 -6.51
C VAL A 187 -4.92 6.37 -7.14
N ASP A 188 -4.63 5.20 -7.71
CA ASP A 188 -3.39 4.96 -8.43
C ASP A 188 -3.64 4.90 -9.95
N VAL A 189 -3.17 5.91 -10.68
CA VAL A 189 -3.43 5.98 -12.10
C VAL A 189 -2.19 5.65 -12.93
N LEU A 190 -2.26 4.57 -13.68
CA LEU A 190 -1.19 4.17 -14.59
C LEU A 190 -1.52 4.73 -15.96
N ILE A 191 -0.55 5.42 -16.56
CA ILE A 191 -0.74 6.01 -17.87
C ILE A 191 0.30 5.48 -18.87
N THR A 192 -0.16 5.09 -20.06
CA THR A 192 0.74 4.65 -21.12
C THR A 192 0.13 4.99 -22.48
N HIS A 193 0.81 4.56 -23.54
CA HIS A 193 0.28 4.70 -24.89
C HIS A 193 0.66 3.47 -25.71
N PRO A 194 -0.35 2.83 -26.33
CA PRO A 194 -0.17 1.56 -27.05
C PRO A 194 0.79 1.66 -28.23
N ASP A 195 1.20 2.87 -28.58
CA ASP A 195 2.14 3.07 -29.68
C ASP A 195 3.59 3.09 -29.19
N GLY A 196 3.78 2.81 -27.91
CA GLY A 196 5.10 2.67 -27.33
C GLY A 196 5.93 3.95 -27.29
N ARG A 197 5.37 5.06 -27.76
CA ARG A 197 6.17 6.29 -27.82
C ARG A 197 5.46 7.56 -27.32
N SER A 198 4.16 7.63 -27.56
CA SER A 198 3.40 8.84 -27.25
C SER A 198 3.23 9.09 -25.76
N HIS A 199 3.86 8.26 -24.93
CA HIS A 199 3.80 8.43 -23.49
C HIS A 199 4.81 9.46 -23.04
N ARG A 200 5.76 9.78 -23.92
CA ARG A 200 6.84 10.69 -23.60
C ARG A 200 6.42 12.16 -23.70
N GLY A 201 7.09 13.01 -22.94
CA GLY A 201 6.84 14.44 -23.00
C GLY A 201 5.41 14.85 -22.69
N ILE A 202 4.73 14.04 -21.87
CA ILE A 202 3.36 14.33 -21.49
C ILE A 202 3.24 14.61 -19.99
N PHE A 203 3.95 13.82 -19.19
CA PHE A 203 3.86 13.87 -17.73
C PHE A 203 3.79 15.28 -17.15
N SER A 204 4.83 16.07 -17.40
CA SER A 204 4.92 17.41 -16.82
C SER A 204 3.76 18.31 -17.27
N ARG A 205 3.33 18.15 -18.52
CA ARG A 205 2.26 18.97 -19.05
C ARG A 205 0.94 18.60 -18.39
N LEU A 206 0.74 17.31 -18.17
CA LEU A 206 -0.46 16.80 -17.51
C LEU A 206 -0.63 17.38 -16.11
N LEU A 207 0.41 17.28 -15.28
CA LEU A 207 0.33 17.81 -13.93
C LEU A 207 0.08 19.32 -13.95
N ASP A 208 0.72 20.02 -14.89
CA ASP A 208 0.49 21.45 -15.02
C ASP A 208 -0.97 21.81 -15.28
N SER A 209 -1.64 21.05 -16.14
CA SER A 209 -3.04 21.33 -16.44
C SER A 209 -3.96 20.93 -15.29
N LEU A 210 -3.66 19.81 -14.64
CA LEU A 210 -4.44 19.39 -13.48
C LEU A 210 -4.31 20.40 -12.35
N ARG A 211 -3.12 21.00 -12.26
CA ARG A 211 -2.84 22.04 -11.29
C ARG A 211 -3.53 23.33 -11.70
N GLN A 212 -3.53 23.62 -13.01
CA GLN A 212 -4.13 24.83 -13.53
C GLN A 212 -5.62 24.84 -13.30
N GLU A 213 -6.25 23.68 -13.45
CA GLU A 213 -7.69 23.58 -13.27
C GLU A 213 -8.07 23.43 -11.79
N GLY A 214 -7.09 23.58 -10.90
CA GLY A 214 -7.33 23.57 -9.47
C GLY A 214 -7.51 22.18 -8.87
N PHE A 215 -7.46 21.15 -9.70
CA PHE A 215 -7.63 19.77 -9.26
C PHE A 215 -6.52 19.29 -8.33
N LEU A 216 -5.27 19.48 -8.73
CA LEU A 216 -4.13 19.15 -7.86
C LEU A 216 -3.89 20.26 -6.86
N THR A 217 -3.90 19.91 -5.58
CA THR A 217 -3.77 20.90 -4.53
C THR A 217 -2.39 20.92 -3.86
N ASP A 218 -1.70 19.79 -3.86
CA ASP A 218 -0.39 19.71 -3.19
C ASP A 218 0.43 18.61 -3.87
N ASP A 219 1.74 18.80 -3.93
CA ASP A 219 2.64 17.77 -4.47
C ASP A 219 3.47 17.18 -3.33
N LEU A 220 3.59 15.86 -3.30
CA LEU A 220 4.40 15.18 -2.27
C LEU A 220 5.70 14.68 -2.86
N VAL A 221 5.60 13.94 -3.96
CA VAL A 221 6.79 13.39 -4.63
C VAL A 221 6.67 13.61 -6.14
N LYS A 222 7.72 14.14 -6.74
CA LYS A 222 7.72 14.36 -8.18
C LYS A 222 8.98 13.78 -8.82
N GLY A 223 8.84 12.64 -9.47
CA GLY A 223 9.94 12.01 -10.15
C GLY A 223 9.79 12.12 -11.66
N GLU A 224 10.68 11.45 -12.38
CA GLU A 224 10.71 11.49 -13.83
C GLU A 224 9.44 10.84 -14.40
N THR A 225 9.02 9.73 -13.81
CA THR A 225 7.83 9.02 -14.29
C THR A 225 6.84 8.65 -13.18
N LYS A 226 7.06 9.16 -11.96
CA LYS A 226 6.07 8.97 -10.89
C LYS A 226 5.75 10.25 -10.14
N TYR A 227 4.47 10.37 -9.78
CA TYR A 227 3.97 11.52 -9.04
C TYR A 227 3.15 10.99 -7.87
N LEU A 228 3.40 11.53 -6.69
CA LEU A 228 2.53 11.31 -5.53
C LEU A 228 2.07 12.67 -5.08
N GLY A 229 0.76 12.86 -4.96
CA GLY A 229 0.26 14.17 -4.63
C GLY A 229 -1.14 14.14 -4.05
N VAL A 230 -1.80 15.29 -4.12
CA VAL A 230 -3.08 15.50 -3.48
C VAL A 230 -4.01 16.19 -4.45
N CYS A 231 -5.25 15.71 -4.51
CA CYS A 231 -6.24 16.31 -5.39
C CYS A 231 -7.56 16.53 -4.64
N ARG A 232 -8.44 17.33 -5.22
CA ARG A 232 -9.79 17.49 -4.68
C ARG A 232 -10.76 17.77 -5.82
N LEU A 233 -11.80 16.95 -5.93
CA LEU A 233 -12.82 17.18 -6.94
C LEU A 233 -13.55 18.49 -6.65
N PRO A 234 -14.14 19.10 -7.68
CA PRO A 234 -14.79 20.41 -7.47
C PRO A 234 -16.09 20.35 -6.67
N GLY A 235 -16.50 21.49 -6.12
CA GLY A 235 -17.79 21.58 -5.48
C GLY A 235 -17.77 21.39 -3.98
N PRO A 236 -18.93 21.52 -3.33
CA PRO A 236 -19.03 21.38 -1.88
C PRO A 236 -18.86 19.94 -1.41
N GLY A 237 -18.52 19.78 -0.14
CA GLY A 237 -18.54 18.48 0.49
C GLY A 237 -17.47 17.51 0.03
N ARG A 238 -16.39 18.03 -0.54
CA ARG A 238 -15.32 17.19 -1.07
C ARG A 238 -14.11 17.16 -0.12
N ARG A 239 -13.50 15.98 0.00
CA ARG A 239 -12.29 15.78 0.81
C ARG A 239 -11.07 15.86 -0.10
N HIS A 240 -9.92 16.22 0.47
CA HIS A 240 -8.65 16.02 -0.25
C HIS A 240 -8.32 14.55 -0.30
N ARG A 241 -7.89 14.07 -1.48
CA ARG A 241 -7.59 12.66 -1.68
C ARG A 241 -6.18 12.51 -2.22
N ARG A 242 -5.51 11.45 -1.80
CA ARG A 242 -4.19 11.15 -2.33
C ARG A 242 -4.34 10.63 -3.74
N LEU A 243 -3.43 11.06 -4.61
CA LEU A 243 -3.43 10.64 -6.01
C LEU A 243 -2.00 10.31 -6.37
N ASP A 244 -1.79 9.13 -6.93
CA ASP A 244 -0.48 8.68 -7.38
C ASP A 244 -0.62 8.42 -8.86
N ILE A 245 0.34 8.91 -9.64
CA ILE A 245 0.29 8.68 -11.08
C ILE A 245 1.65 8.13 -11.50
N ILE A 246 1.64 7.13 -12.37
CA ILE A 246 2.89 6.71 -13.01
C ILE A 246 2.71 6.66 -14.51
N VAL A 247 3.78 6.98 -15.24
CA VAL A 247 3.73 6.93 -16.70
C VAL A 247 4.80 5.93 -17.13
N VAL A 248 4.38 4.94 -17.93
CA VAL A 248 5.28 3.86 -18.34
C VAL A 248 5.25 3.66 -19.85
N PRO A 249 6.38 3.22 -20.42
CA PRO A 249 6.37 2.91 -21.85
C PRO A 249 5.52 1.67 -22.09
N TYR A 250 4.86 1.59 -23.25
CA TYR A 250 3.98 0.48 -23.49
C TYR A 250 4.67 -0.87 -23.36
N SER A 251 5.96 -0.90 -23.67
CA SER A 251 6.72 -2.14 -23.62
C SER A 251 6.75 -2.74 -22.22
N GLU A 252 6.39 -1.94 -21.21
CA GLU A 252 6.42 -2.37 -19.82
C GLU A 252 5.01 -2.45 -19.23
N PHE A 253 4.01 -2.32 -20.09
CA PHE A 253 2.63 -2.19 -19.62
C PHE A 253 2.16 -3.32 -18.69
N ALA A 254 2.35 -4.56 -19.10
CA ALA A 254 1.87 -5.69 -18.32
C ALA A 254 2.49 -5.74 -16.93
N CYS A 255 3.80 -5.52 -16.83
CA CYS A 255 4.46 -5.61 -15.54
C CYS A 255 4.09 -4.43 -14.64
N ALA A 256 3.91 -3.26 -15.25
CA ALA A 256 3.54 -2.06 -14.50
C ALA A 256 2.12 -2.21 -13.98
N LEU A 257 1.25 -2.69 -14.85
CA LEU A 257 -0.13 -2.98 -14.47
C LEU A 257 -0.16 -3.98 -13.33
N LEU A 258 0.61 -5.05 -13.47
CA LEU A 258 0.68 -6.08 -12.43
C LEU A 258 1.17 -5.46 -11.13
N TYR A 259 2.25 -4.69 -11.21
CA TYR A 259 2.85 -4.08 -10.02
C TYR A 259 1.87 -3.14 -9.34
N PHE A 260 1.28 -2.24 -10.13
CA PHE A 260 0.50 -1.14 -9.57
C PHE A 260 -0.86 -1.63 -9.10
N THR A 261 -1.26 -2.82 -9.58
CA THR A 261 -2.48 -3.45 -9.08
C THR A 261 -2.29 -4.16 -7.74
N GLY A 262 -1.21 -4.93 -7.60
CA GLY A 262 -0.95 -5.60 -6.34
C GLY A 262 -1.92 -6.72 -6.07
N SER A 263 -2.29 -6.95 -4.81
CA SER A 263 -1.91 -6.11 -3.67
C SER A 263 -0.43 -6.12 -3.34
N ALA A 264 -0.02 -5.30 -2.38
CA ALA A 264 1.38 -5.28 -1.96
C ALA A 264 1.84 -6.65 -1.51
N HIS A 265 1.05 -7.31 -0.68
CA HIS A 265 1.42 -8.65 -0.22
C HIS A 265 1.45 -9.67 -1.34
N PHE A 266 0.54 -9.51 -2.30
CA PHE A 266 0.52 -10.36 -3.48
C PHE A 266 1.81 -10.17 -4.26
N ASN A 267 2.16 -8.92 -4.56
CA ASN A 267 3.42 -8.60 -5.24
C ASN A 267 4.62 -9.24 -4.57
N ARG A 268 4.69 -9.11 -3.24
CA ARG A 268 5.82 -9.66 -2.51
C ARG A 268 5.94 -11.18 -2.67
N SER A 269 4.80 -11.85 -2.55
CA SER A 269 4.75 -13.30 -2.76
C SER A 269 5.12 -13.69 -4.19
N MET A 270 4.59 -12.97 -5.18
CA MET A 270 4.89 -13.26 -6.57
CA MET A 270 4.90 -13.25 -6.58
C MET A 270 6.37 -13.03 -6.88
N ARG A 271 6.93 -11.96 -6.34
CA ARG A 271 8.33 -11.64 -6.53
C ARG A 271 9.23 -12.67 -5.84
N ALA A 272 8.83 -13.09 -4.63
CA ALA A 272 9.58 -14.13 -3.94
C ALA A 272 9.60 -15.41 -4.77
N LEU A 273 8.43 -15.79 -5.28
CA LEU A 273 8.35 -16.95 -6.17
C LEU A 273 9.27 -16.82 -7.38
N ALA A 274 9.19 -15.68 -8.07
CA ALA A 274 10.07 -15.45 -9.22
C ALA A 274 11.54 -15.66 -8.86
N LYS A 275 11.95 -15.20 -7.69
CA LYS A 275 13.36 -15.34 -7.32
C LYS A 275 13.77 -16.80 -7.15
N THR A 276 12.83 -17.66 -6.74
CA THR A 276 13.15 -19.07 -6.56
C THR A 276 13.33 -19.77 -7.90
N LYS A 277 12.67 -19.25 -8.90
CA LYS A 277 12.78 -19.82 -10.23
CA LYS A 277 12.74 -19.75 -10.27
C LYS A 277 13.91 -19.18 -11.04
N GLY A 278 14.84 -18.57 -10.38
CA GLY A 278 15.95 -17.91 -11.04
C GLY A 278 15.54 -16.70 -11.85
N MET A 279 14.49 -16.00 -11.41
CA MET A 279 14.00 -14.82 -12.11
C MET A 279 13.85 -13.63 -11.17
N SER A 280 13.63 -12.47 -11.76
CA SER A 280 13.40 -11.25 -10.99
C SER A 280 12.22 -10.48 -11.58
N LEU A 281 11.28 -10.12 -10.72
CA LEU A 281 10.07 -9.43 -11.15
C LEU A 281 10.03 -8.00 -10.59
N SER A 282 9.90 -7.03 -11.48
CA SER A 282 9.70 -5.64 -11.09
C SER A 282 8.61 -5.04 -11.97
N GLU A 283 8.34 -3.75 -11.77
CA GLU A 283 7.31 -3.08 -12.55
C GLU A 283 7.79 -2.82 -13.97
N HIS A 284 9.07 -3.06 -14.22
CA HIS A 284 9.65 -2.86 -15.54
C HIS A 284 9.62 -4.13 -16.36
N ALA A 285 9.86 -5.26 -15.71
CA ALA A 285 10.00 -6.51 -16.44
C ALA A 285 10.07 -7.75 -15.57
N LEU A 286 9.76 -8.87 -16.19
CA LEU A 286 10.13 -10.15 -15.63
C LEU A 286 11.44 -10.52 -16.31
N SER A 287 12.48 -10.76 -15.51
CA SER A 287 13.83 -10.99 -16.01
C SER A 287 14.36 -12.30 -15.49
N THR A 288 15.34 -12.86 -16.20
CA THR A 288 16.13 -13.94 -15.60
C THR A 288 17.15 -13.27 -14.68
N ALA A 289 17.56 -13.97 -13.62
CA ALA A 289 18.47 -13.40 -12.63
C ALA A 289 19.81 -13.01 -13.26
N VAL A 290 20.49 -12.06 -12.64
CA VAL A 290 21.79 -11.59 -13.13
C VAL A 290 22.88 -12.63 -12.89
N GLY A 302 20.78 -10.29 -16.81
CA GLY A 302 19.66 -11.19 -17.08
C GLY A 302 18.99 -10.89 -18.41
N ARG A 303 18.11 -11.78 -18.84
CA ARG A 303 17.36 -11.58 -20.08
C ARG A 303 15.95 -11.11 -19.71
N VAL A 304 15.46 -10.09 -20.41
CA VAL A 304 14.09 -9.66 -20.24
C VAL A 304 13.14 -10.63 -20.96
N LEU A 305 12.32 -11.33 -20.20
CA LEU A 305 11.33 -12.25 -20.77
C LEU A 305 10.14 -11.48 -21.34
N PRO A 306 9.63 -11.93 -22.50
CA PRO A 306 8.51 -11.22 -23.15
C PRO A 306 7.19 -11.40 -22.37
N THR A 307 6.60 -10.28 -21.96
CA THR A 307 5.35 -10.34 -21.22
C THR A 307 4.35 -9.32 -21.74
N PRO A 308 3.76 -9.59 -22.91
CA PRO A 308 2.77 -8.71 -23.53
C PRO A 308 1.57 -8.41 -22.63
N THR A 309 1.18 -9.39 -21.82
CA THR A 309 0.00 -9.27 -20.97
C THR A 309 0.32 -9.82 -19.59
N GLU A 310 -0.54 -9.52 -18.63
CA GLU A 310 -0.36 -10.03 -17.27
C GLU A 310 -0.31 -11.55 -17.24
N LYS A 311 -1.21 -12.17 -18.00
CA LYS A 311 -1.28 -13.63 -18.09
C LYS A 311 0.07 -14.25 -18.44
N ASP A 312 0.81 -13.59 -19.33
CA ASP A 312 2.14 -14.04 -19.68
C ASP A 312 3.06 -14.12 -18.45
N VAL A 313 2.96 -13.13 -17.56
CA VAL A 313 3.76 -13.17 -16.33
C VAL A 313 3.42 -14.38 -15.47
N PHE A 314 2.12 -14.63 -15.27
CA PHE A 314 1.66 -15.78 -14.49
C PHE A 314 2.17 -17.08 -15.10
N ARG A 315 2.01 -17.19 -16.41
CA ARG A 315 2.35 -18.42 -17.12
C ARG A 315 3.85 -18.71 -16.99
N LEU A 316 4.67 -17.68 -17.18
CA LEU A 316 6.11 -17.83 -17.06
C LEU A 316 6.55 -18.24 -15.65
N LEU A 317 5.71 -17.91 -14.67
CA LEU A 317 6.01 -18.29 -13.27
C LEU A 317 5.33 -19.60 -12.90
N GLY A 318 4.65 -20.23 -13.85
CA GLY A 318 4.00 -21.50 -13.59
C GLY A 318 2.76 -21.34 -12.74
N LEU A 319 2.07 -20.22 -12.93
CA LEU A 319 0.90 -19.91 -12.12
C LEU A 319 -0.36 -19.78 -12.96
N PRO A 320 -1.48 -20.23 -12.41
CA PRO A 320 -2.80 -19.98 -13.00
C PRO A 320 -3.11 -18.51 -12.88
N TYR A 321 -3.64 -17.90 -13.93
CA TYR A 321 -3.98 -16.49 -13.89
C TYR A 321 -4.94 -16.18 -12.76
N ARG A 322 -4.79 -14.99 -12.16
CA ARG A 322 -5.74 -14.51 -11.16
C ARG A 322 -6.26 -13.14 -11.54
N GLU A 323 -7.58 -13.00 -11.55
CA GLU A 323 -8.22 -11.71 -11.76
C GLU A 323 -7.76 -10.78 -10.64
N PRO A 324 -7.76 -9.47 -10.91
CA PRO A 324 -7.37 -8.51 -9.86
C PRO A 324 -8.06 -8.74 -8.51
N ALA A 325 -9.33 -9.14 -8.51
CA ALA A 325 -10.03 -9.34 -7.23
C ALA A 325 -9.50 -10.54 -6.46
N GLU A 326 -8.82 -11.44 -7.17
CA GLU A 326 -8.26 -12.62 -6.56
C GLU A 326 -6.85 -12.37 -6.01
N ARG A 327 -6.39 -11.12 -6.11
CA ARG A 327 -5.03 -10.77 -5.71
C ARG A 327 -5.07 -9.87 -4.49
N ASP A 328 -6.24 -9.78 -3.89
CA ASP A 328 -6.43 -8.86 -2.77
C ASP A 328 -5.93 -9.51 -1.49
N TRP A 329 -4.62 -9.56 -1.34
CA TRP A 329 -4.01 -10.17 -0.17
C TRP A 329 -3.55 -9.14 0.87
#